data_9BZN
#
_entry.id   9BZN
#
_cell.length_a   36.064
_cell.length_b   79.549
_cell.length_c   42.891
_cell.angle_alpha   90.000
_cell.angle_beta   108.280
_cell.angle_gamma   90.000
#
_symmetry.space_group_name_H-M   'P 1 21 1'
#
loop_
_entity.id
_entity.type
_entity.pdbx_description
1 polymer 'class A Beta-lactamase, PenP superfamily'
2 non-polymer 'FORMIC ACID'
3 non-polymer 'SULFATE ION'
4 water water
#
_entity_poly.entity_id   1
_entity_poly.type   'polypeptide(L)'
_entity_poly.pdbx_seq_one_letter_code
;SNAAAQAQRQLALLEQRHGVRLGVQVHDRDSDRAFSHRADERFPMCSTFKLLAAGAVLARADRGDDSLRRLIRYGAADIV
AYSPVTGPRQAEGMTLEQLCEAAVTRSDNTAGNLLLSTLGGPPGLTAYARGLGDRMTRLDRIETALNEARPGDPRDTTTP
AAMAGNLQRLLLGDALQSASRQRLADWLLASQTGDTRLRAGLPAGWRIGDKTGAGGHGTNNDIGVIWPRDGAPVLISAYL
TQSSASREAQNAVLAEVGRIAAHAVAAWRLGS
;
_entity_poly.pdbx_strand_id   A
#
# COMPACT_ATOMS: atom_id res chain seq x y z
N ASN A 2 6.09 -12.35 25.13
CA ASN A 2 5.16 -12.99 24.20
C ASN A 2 5.62 -12.82 22.74
N ALA A 3 4.85 -13.38 21.80
CA ALA A 3 5.24 -13.31 20.40
C ALA A 3 5.27 -11.87 19.90
N ALA A 4 4.34 -11.03 20.37
CA ALA A 4 4.35 -9.63 19.96
C ALA A 4 5.61 -8.93 20.41
N ALA A 5 6.00 -9.13 21.67
CA ALA A 5 7.21 -8.50 22.19
C ALA A 5 8.44 -9.00 21.43
N GLN A 6 8.49 -10.29 21.11
CA GLN A 6 9.62 -10.82 20.37
C GLN A 6 9.69 -10.22 18.97
N ALA A 7 8.55 -10.08 18.30
CA ALA A 7 8.52 -9.46 16.98
C ALA A 7 8.98 -8.01 17.05
N GLN A 8 8.55 -7.28 18.08
CA GLN A 8 8.94 -5.89 18.22
C GLN A 8 10.44 -5.75 18.47
N ARG A 9 11.00 -6.65 19.27
CA ARG A 9 12.45 -6.66 19.46
C ARG A 9 13.18 -6.95 18.17
N GLN A 10 12.69 -7.92 17.38
CA GLN A 10 13.30 -8.25 16.11
C GLN A 10 13.27 -7.06 15.15
N LEU A 11 12.15 -6.33 15.12
CA LEU A 11 12.06 -5.14 14.28
C LEU A 11 13.03 -4.05 14.73
N ALA A 12 13.15 -3.85 16.06
CA ALA A 12 14.08 -2.84 16.56
C ALA A 12 15.52 -3.16 16.17
N LEU A 13 15.91 -4.44 16.26
CA LEU A 13 17.26 -4.84 15.87
C LEU A 13 17.47 -4.69 14.37
N LEU A 14 16.48 -5.09 13.59
CA LEU A 14 16.55 -4.97 12.14
C LEU A 14 16.73 -3.51 11.73
N GLU A 15 15.94 -2.61 12.33
CA GLU A 15 16.04 -1.19 12.05
C GLU A 15 17.44 -0.66 12.35
N GLN A 16 17.99 -1.05 13.50
N GLN A 16 17.99 -1.05 13.51
CA GLN A 16 19.27 -0.49 13.91
CA GLN A 16 19.33 -0.65 13.91
C GLN A 16 20.41 -0.97 13.01
C GLN A 16 20.37 -1.11 12.89
N ARG A 17 20.38 -2.24 12.61
N ARG A 17 20.36 -2.41 12.58
CA ARG A 17 21.50 -2.76 11.84
CA ARG A 17 21.39 -2.98 11.72
C ARG A 17 21.47 -2.30 10.37
C ARG A 17 21.49 -2.22 10.41
N HIS A 18 20.34 -1.79 9.90
CA HIS A 18 20.24 -1.24 8.55
C HIS A 18 20.23 0.27 8.51
N GLY A 19 20.31 0.93 9.67
CA GLY A 19 20.40 2.38 9.72
C GLY A 19 19.20 3.09 9.17
N VAL A 20 18.01 2.53 9.35
CA VAL A 20 16.79 3.08 8.78
C VAL A 20 15.87 3.58 9.89
N ARG A 21 14.79 4.23 9.47
CA ARG A 21 13.60 4.43 10.29
C ARG A 21 12.51 3.55 9.70
N LEU A 22 12.03 2.61 10.50
CA LEU A 22 11.12 1.55 10.06
C LEU A 22 9.80 1.69 10.81
N GLY A 23 8.68 1.62 10.09
CA GLY A 23 7.37 1.69 10.69
C GLY A 23 6.52 0.52 10.24
N VAL A 24 6.04 -0.26 11.20
CA VAL A 24 5.33 -1.50 10.90
C VAL A 24 4.09 -1.62 11.78
N GLN A 25 2.98 -2.02 11.18
CA GLN A 25 1.81 -2.48 11.93
C GLN A 25 1.39 -3.83 11.35
N VAL A 26 1.19 -4.82 12.21
CA VAL A 26 0.67 -6.13 11.83
C VAL A 26 -0.53 -6.44 12.70
N HIS A 27 -1.60 -6.95 12.11
CA HIS A 27 -2.78 -7.36 12.87
C HIS A 27 -3.31 -8.66 12.26
N ASP A 28 -3.21 -9.74 13.03
CA ASP A 28 -3.70 -11.04 12.60
C ASP A 28 -5.18 -11.15 12.96
N ARG A 29 -6.04 -11.27 11.94
CA ARG A 29 -7.47 -11.38 12.23
C ARG A 29 -7.85 -12.72 12.85
N ASP A 30 -7.01 -13.74 12.70
CA ASP A 30 -7.36 -15.04 13.26
C ASP A 30 -7.28 -15.01 14.79
N SER A 31 -6.09 -14.71 15.32
CA SER A 31 -5.89 -14.59 16.75
C SER A 31 -6.32 -13.24 17.31
N ASP A 32 -6.57 -12.26 16.44
CA ASP A 32 -6.87 -10.88 16.81
C ASP A 32 -5.70 -10.17 17.48
N ARG A 33 -4.49 -10.70 17.36
CA ARG A 33 -3.32 -10.11 17.99
C ARG A 33 -2.60 -9.18 17.02
N ALA A 34 -1.80 -8.29 17.58
CA ALA A 34 -1.11 -7.28 16.79
C ALA A 34 0.27 -7.01 17.36
N PHE A 35 1.15 -6.48 16.51
CA PHE A 35 2.41 -5.91 16.97
C PHE A 35 2.75 -4.71 16.10
N SER A 36 3.64 -3.85 16.60
CA SER A 36 3.93 -2.65 15.84
C SER A 36 5.27 -2.06 16.25
N HIS A 37 5.76 -1.16 15.40
CA HIS A 37 7.00 -0.42 15.63
C HIS A 37 6.80 0.91 14.92
N ARG A 38 6.90 2.00 15.68
CA ARG A 38 6.70 3.36 15.15
C ARG A 38 5.36 3.50 14.42
N ALA A 39 4.33 2.82 14.90
CA ALA A 39 3.12 2.76 14.10
C ALA A 39 2.32 4.05 14.09
N ASP A 40 2.63 5.00 14.99
CA ASP A 40 1.99 6.30 15.00
C ASP A 40 2.85 7.41 14.42
N GLU A 41 4.01 7.09 13.89
CA GLU A 41 4.86 8.08 13.24
C GLU A 41 4.51 8.22 11.77
N ARG A 42 4.80 9.38 11.21
CA ARG A 42 4.54 9.63 9.79
C ARG A 42 5.66 9.09 8.92
N PHE A 43 5.27 8.52 7.78
CA PHE A 43 6.17 8.04 6.74
C PHE A 43 5.61 8.44 5.38
N PRO A 44 6.49 8.69 4.41
CA PRO A 44 6.00 9.00 3.04
C PRO A 44 5.28 7.81 2.43
N MET A 45 4.11 8.06 1.86
CA MET A 45 3.35 6.97 1.23
C MET A 45 4.00 6.46 -0.03
N CYS A 46 4.57 7.37 -0.83
CA CYS A 46 4.95 7.03 -2.20
C CYS A 46 3.79 6.32 -2.89
N SER A 47 4.05 5.33 -3.73
CA SER A 47 2.96 4.72 -4.51
C SER A 47 1.96 3.94 -3.68
N THR A 48 2.17 3.77 -2.38
CA THR A 48 1.16 3.06 -1.60
C THR A 48 -0.18 3.80 -1.59
N PHE A 49 -0.19 5.10 -1.93
CA PHE A 49 -1.46 5.82 -2.01
C PHE A 49 -2.41 5.19 -3.04
N LYS A 50 -1.88 4.48 -4.03
CA LYS A 50 -2.72 3.95 -5.10
C LYS A 50 -3.73 2.95 -4.59
N LEU A 51 -3.44 2.25 -3.48
CA LEU A 51 -4.42 1.37 -2.89
C LEU A 51 -5.66 2.17 -2.46
N LEU A 52 -5.43 3.27 -1.74
N LEU A 52 -5.42 3.29 -1.78
CA LEU A 52 -6.53 4.14 -1.34
CA LEU A 52 -6.51 4.15 -1.32
C LEU A 52 -7.26 4.72 -2.54
C LEU A 52 -7.22 4.83 -2.49
N ALA A 53 -6.50 5.18 -3.55
CA ALA A 53 -7.13 5.78 -4.72
C ALA A 53 -8.07 4.80 -5.39
N ALA A 54 -7.63 3.56 -5.56
CA ALA A 54 -8.50 2.55 -6.13
C ALA A 54 -9.70 2.27 -5.24
N GLY A 55 -9.49 2.24 -3.93
CA GLY A 55 -10.62 2.11 -3.01
C GLY A 55 -11.64 3.22 -3.18
N ALA A 56 -11.17 4.47 -3.32
CA ALA A 56 -12.06 5.60 -3.49
C ALA A 56 -12.85 5.50 -4.79
N VAL A 57 -12.20 5.06 -5.86
CA VAL A 57 -12.89 4.87 -7.13
C VAL A 57 -13.94 3.77 -7.00
N LEU A 58 -13.58 2.67 -6.36
CA LEU A 58 -14.55 1.58 -6.15
C LEU A 58 -15.73 2.04 -5.31
N ALA A 59 -15.47 2.84 -4.27
CA ALA A 59 -16.57 3.34 -3.45
C ALA A 59 -17.49 4.23 -4.25
N ARG A 60 -16.93 5.06 -5.14
CA ARG A 60 -17.74 5.87 -6.04
C ARG A 60 -18.57 4.98 -6.97
N ALA A 61 -17.96 3.93 -7.51
CA ALA A 61 -18.72 2.99 -8.34
C ALA A 61 -19.86 2.33 -7.56
N ASP A 62 -19.60 1.97 -6.30
CA ASP A 62 -20.62 1.35 -5.45
C ASP A 62 -21.84 2.25 -5.29
N ARG A 63 -21.63 3.56 -5.17
N ARG A 63 -21.62 3.56 -5.17
CA ARG A 63 -22.71 4.50 -4.95
CA ARG A 63 -22.71 4.50 -4.97
C ARG A 63 -23.19 5.16 -6.24
C ARG A 63 -23.36 4.95 -6.27
N GLY A 64 -22.71 4.70 -7.39
CA GLY A 64 -23.17 5.25 -8.66
C GLY A 64 -22.63 6.62 -8.98
N ASP A 65 -21.59 7.06 -8.28
CA ASP A 65 -20.98 8.35 -8.58
C ASP A 65 -19.99 8.28 -9.71
N ASP A 66 -19.55 7.08 -10.07
CA ASP A 66 -18.75 6.86 -11.25
C ASP A 66 -19.00 5.44 -11.70
N SER A 67 -18.37 5.05 -12.81
CA SER A 67 -18.56 3.74 -13.40
C SER A 67 -17.21 3.17 -13.79
N LEU A 68 -16.96 1.91 -13.40
CA LEU A 68 -15.71 1.27 -13.79
C LEU A 68 -15.57 1.12 -15.30
N ARG A 69 -16.68 1.14 -16.03
CA ARG A 69 -16.64 0.99 -17.48
C ARG A 69 -16.46 2.31 -18.22
N ARG A 70 -16.43 3.44 -17.51
CA ARG A 70 -16.27 4.73 -18.19
C ARG A 70 -14.91 4.82 -18.87
N LEU A 71 -14.92 5.22 -20.14
CA LEU A 71 -13.70 5.41 -20.91
C LEU A 71 -13.10 6.78 -20.60
N ILE A 72 -11.84 6.78 -20.16
CA ILE A 72 -11.10 7.99 -19.83
C ILE A 72 -10.14 8.27 -20.97
N ARG A 73 -10.23 9.47 -21.56
CA ARG A 73 -9.30 9.92 -22.57
C ARG A 73 -8.23 10.79 -21.91
N TYR A 74 -7.01 10.71 -22.44
CA TYR A 74 -5.89 11.47 -21.90
C TYR A 74 -4.87 11.64 -23.00
N GLY A 75 -3.98 12.61 -22.82
CA GLY A 75 -3.04 12.95 -23.86
C GLY A 75 -1.62 12.52 -23.60
N ALA A 76 -0.81 12.53 -24.66
CA ALA A 76 0.63 12.33 -24.50
C ALA A 76 1.19 13.30 -23.48
N ALA A 77 0.63 14.50 -23.39
CA ALA A 77 1.10 15.52 -22.46
C ALA A 77 0.87 15.15 -21.00
N ASP A 78 0.00 14.17 -20.72
CA ASP A 78 -0.31 13.75 -19.37
C ASP A 78 0.57 12.61 -18.87
N ILE A 79 1.41 12.03 -19.72
CA ILE A 79 2.19 10.87 -19.35
C ILE A 79 3.34 11.29 -18.45
N VAL A 80 3.49 10.61 -17.32
CA VAL A 80 4.64 10.78 -16.45
C VAL A 80 5.49 9.51 -16.45
N ALA A 81 6.62 9.56 -15.75
CA ALA A 81 7.54 8.44 -15.72
C ALA A 81 6.88 7.18 -15.17
N TYR A 82 7.35 6.02 -15.66
CA TYR A 82 6.87 4.69 -15.28
C TYR A 82 5.36 4.54 -15.52
N SER A 83 5.02 4.49 -16.80
CA SER A 83 3.65 4.35 -17.26
C SER A 83 3.57 3.23 -18.28
N PRO A 84 3.91 2.00 -17.88
CA PRO A 84 4.03 0.91 -18.85
C PRO A 84 2.71 0.50 -19.49
N VAL A 85 1.58 0.74 -18.85
CA VAL A 85 0.27 0.40 -19.38
C VAL A 85 -0.36 1.60 -20.09
N THR A 86 -0.39 2.74 -19.41
CA THR A 86 -1.07 3.92 -19.95
C THR A 86 -0.34 4.52 -21.14
N GLY A 87 0.98 4.43 -21.17
CA GLY A 87 1.74 5.00 -22.26
C GLY A 87 1.32 4.46 -23.62
N PRO A 88 1.40 3.13 -23.79
CA PRO A 88 1.04 2.55 -25.09
C PRO A 88 -0.43 2.70 -25.46
N ARG A 89 -1.32 2.89 -24.49
N ARG A 89 -1.33 2.90 -24.50
CA ARG A 89 -2.75 2.97 -24.73
CA ARG A 89 -2.76 2.96 -24.76
C ARG A 89 -3.29 4.40 -24.75
C ARG A 89 -3.28 4.40 -24.90
N GLN A 90 -2.40 5.38 -24.84
CA GLN A 90 -2.82 6.79 -24.72
C GLN A 90 -3.84 7.20 -25.77
N ALA A 91 -3.58 6.89 -27.05
CA ALA A 91 -4.45 7.38 -28.11
C ALA A 91 -5.88 6.84 -27.98
N GLU A 92 -6.05 5.62 -27.49
CA GLU A 92 -7.38 5.02 -27.38
C GLU A 92 -8.04 5.30 -26.04
N GLY A 93 -7.28 5.70 -25.03
CA GLY A 93 -7.82 5.84 -23.70
C GLY A 93 -7.94 4.50 -23.00
N MET A 94 -8.36 4.55 -21.74
CA MET A 94 -8.54 3.36 -20.93
C MET A 94 -9.76 3.53 -20.05
N THR A 95 -10.42 2.42 -19.71
CA THR A 95 -11.54 2.52 -18.78
C THR A 95 -11.04 2.70 -17.36
N LEU A 96 -11.95 3.16 -16.51
N LEU A 96 -11.94 3.16 -16.49
CA LEU A 96 -11.63 3.38 -15.11
CA LEU A 96 -11.56 3.37 -15.10
C LEU A 96 -11.15 2.09 -14.45
C LEU A 96 -11.12 2.07 -14.43
N GLU A 97 -11.79 0.96 -14.74
CA GLU A 97 -11.31 -0.31 -14.18
C GLU A 97 -9.92 -0.67 -14.69
N GLN A 98 -9.65 -0.44 -15.98
CA GLN A 98 -8.31 -0.71 -16.51
C GLN A 98 -7.27 0.17 -15.83
N LEU A 99 -7.64 1.42 -15.53
CA LEU A 99 -6.73 2.34 -14.84
C LEU A 99 -6.50 1.92 -13.39
N CYS A 100 -7.56 1.48 -12.70
CA CYS A 100 -7.38 0.96 -11.35
C CYS A 100 -6.43 -0.22 -11.35
N GLU A 101 -6.62 -1.15 -12.27
CA GLU A 101 -5.74 -2.31 -12.37
C GLU A 101 -4.31 -1.88 -12.66
N ALA A 102 -4.13 -0.96 -13.61
CA ALA A 102 -2.77 -0.52 -13.94
C ALA A 102 -2.10 0.14 -12.74
N ALA A 103 -2.84 0.98 -12.01
CA ALA A 103 -2.28 1.66 -10.86
C ALA A 103 -1.94 0.68 -9.74
N VAL A 104 -2.85 -0.24 -9.42
CA VAL A 104 -2.66 -1.12 -8.27
C VAL A 104 -1.74 -2.28 -8.61
N THR A 105 -2.04 -2.99 -9.69
CA THR A 105 -1.28 -4.19 -10.01
C THR A 105 0.12 -3.84 -10.53
N ARG A 106 0.22 -2.81 -11.39
CA ARG A 106 1.48 -2.47 -12.03
C ARG A 106 2.16 -1.21 -11.49
N SER A 107 1.50 -0.45 -10.63
CA SER A 107 2.03 0.82 -10.11
C SER A 107 2.22 1.86 -11.21
N ASP A 108 1.43 1.79 -12.27
CA ASP A 108 1.52 2.75 -13.36
C ASP A 108 1.24 4.16 -12.83
N ASN A 109 2.18 5.09 -13.04
CA ASN A 109 2.09 6.40 -12.41
C ASN A 109 1.05 7.29 -13.09
N THR A 110 0.99 7.29 -14.42
CA THR A 110 -0.07 8.07 -15.07
C THR A 110 -1.43 7.54 -14.67
N ALA A 111 -1.58 6.22 -14.55
CA ALA A 111 -2.85 5.66 -14.09
C ALA A 111 -3.21 6.21 -12.72
N GLY A 112 -2.24 6.28 -11.80
CA GLY A 112 -2.51 6.85 -10.50
C GLY A 112 -2.99 8.30 -10.59
N ASN A 113 -2.34 9.10 -11.44
CA ASN A 113 -2.75 10.49 -11.61
C ASN A 113 -4.14 10.58 -12.21
N LEU A 114 -4.46 9.70 -13.17
CA LEU A 114 -5.79 9.73 -13.75
C LEU A 114 -6.85 9.35 -12.73
N LEU A 115 -6.57 8.38 -11.85
CA LEU A 115 -7.51 8.09 -10.77
C LEU A 115 -7.73 9.33 -9.91
N LEU A 116 -6.63 10.00 -9.52
CA LEU A 116 -6.75 11.20 -8.69
C LEU A 116 -7.60 12.26 -9.37
N SER A 117 -7.49 12.37 -10.70
N SER A 117 -7.48 12.38 -10.70
CA SER A 117 -8.26 13.37 -11.43
CA SER A 117 -8.26 13.38 -11.42
C SER A 117 -9.76 13.14 -11.30
C SER A 117 -9.76 13.13 -11.37
N THR A 118 -10.19 11.89 -11.08
CA THR A 118 -11.61 11.61 -10.92
C THR A 118 -12.10 11.85 -9.50
N LEU A 119 -11.19 12.01 -8.55
CA LEU A 119 -11.49 12.15 -7.13
C LEU A 119 -11.43 13.58 -6.63
N GLY A 120 -11.11 14.53 -7.48
CA GLY A 120 -10.83 15.87 -7.02
C GLY A 120 -9.41 16.06 -6.57
N GLY A 121 -8.48 15.29 -7.13
CA GLY A 121 -7.08 15.48 -6.86
C GLY A 121 -6.65 14.98 -5.50
N PRO A 122 -5.43 15.31 -5.11
CA PRO A 122 -4.94 14.94 -3.78
C PRO A 122 -5.89 15.35 -2.65
N PRO A 123 -6.54 16.53 -2.71
CA PRO A 123 -7.52 16.83 -1.64
C PRO A 123 -8.67 15.83 -1.57
N GLY A 124 -9.08 15.29 -2.72
CA GLY A 124 -10.13 14.29 -2.71
C GLY A 124 -9.70 12.99 -2.07
N LEU A 125 -8.43 12.61 -2.27
N LEU A 125 -8.43 12.61 -2.27
CA LEU A 125 -7.95 11.39 -1.62
CA LEU A 125 -7.94 11.38 -1.63
C LEU A 125 -7.86 11.59 -0.11
C LEU A 125 -7.82 11.57 -0.12
N THR A 126 -7.38 12.75 0.31
CA THR A 126 -7.32 13.04 1.74
C THR A 126 -8.72 12.98 2.36
N ALA A 127 -9.69 13.59 1.69
CA ALA A 127 -11.06 13.57 2.20
C ALA A 127 -11.61 12.15 2.30
N TYR A 128 -11.28 11.32 1.30
N TYR A 128 -11.29 11.30 1.31
CA TYR A 128 -11.65 9.92 1.32
CA TYR A 128 -11.73 9.90 1.40
C TYR A 128 -11.10 9.21 2.57
C TYR A 128 -11.11 9.20 2.61
N ALA A 129 -9.82 9.45 2.87
CA ALA A 129 -9.20 8.86 4.05
C ALA A 129 -9.92 9.31 5.32
N ARG A 130 -10.24 10.60 5.41
CA ARG A 130 -10.99 11.08 6.58
C ARG A 130 -12.31 10.34 6.71
N GLY A 131 -13.00 10.09 5.60
CA GLY A 131 -14.26 9.36 5.65
C GLY A 131 -14.12 7.93 6.14
N LEU A 132 -12.93 7.34 5.97
CA LEU A 132 -12.61 6.01 6.50
C LEU A 132 -12.22 6.04 7.97
N GLY A 133 -12.25 7.20 8.61
CA GLY A 133 -11.82 7.33 9.99
C GLY A 133 -10.34 7.53 10.18
N ASP A 134 -9.59 7.76 9.10
CA ASP A 134 -8.16 7.99 9.15
C ASP A 134 -7.94 9.49 9.28
N ARG A 135 -7.42 9.92 10.43
CA ARG A 135 -7.20 11.32 10.74
C ARG A 135 -5.79 11.78 10.42
N MET A 136 -4.93 10.90 9.92
CA MET A 136 -3.52 11.21 9.71
C MET A 136 -3.13 11.34 8.24
N THR A 137 -3.56 10.41 7.40
CA THR A 137 -3.08 10.35 6.03
C THR A 137 -3.41 11.62 5.27
N ARG A 138 -2.47 12.10 4.47
CA ARG A 138 -2.73 13.23 3.60
C ARG A 138 -1.96 13.06 2.31
N LEU A 139 -2.64 13.29 1.19
CA LEU A 139 -1.99 13.40 -0.10
C LEU A 139 -2.07 14.84 -0.55
N ASP A 140 -0.95 15.34 -1.08
CA ASP A 140 -0.80 16.75 -1.41
C ASP A 140 -0.33 16.97 -2.83
N ARG A 141 0.42 16.02 -3.37
CA ARG A 141 1.01 16.14 -4.69
C ARG A 141 0.59 14.94 -5.55
N ILE A 142 0.90 15.03 -6.84
CA ILE A 142 0.62 13.95 -7.78
C ILE A 142 1.93 13.24 -8.14
N GLU A 143 1.83 12.17 -8.94
CA GLU A 143 3.04 11.48 -9.37
C GLU A 143 3.81 12.34 -10.37
N THR A 144 5.14 12.33 -10.28
CA THR A 144 5.99 11.64 -9.32
C THR A 144 6.47 12.55 -8.20
N ALA A 145 5.92 13.77 -8.15
CA ALA A 145 6.33 14.75 -7.16
C ALA A 145 6.15 14.25 -5.73
N LEU A 146 5.11 13.44 -5.50
CA LEU A 146 4.80 12.95 -4.16
C LEU A 146 5.85 11.99 -3.61
N ASN A 147 6.83 11.58 -4.41
CA ASN A 147 7.85 10.64 -3.96
C ASN A 147 9.07 11.30 -3.32
N GLU A 148 9.05 12.62 -3.12
CA GLU A 148 10.23 13.32 -2.60
C GLU A 148 10.70 12.70 -1.29
N ALA A 149 9.76 12.47 -0.36
CA ALA A 149 10.01 11.71 0.86
C ALA A 149 11.00 12.40 1.80
N ARG A 150 10.96 13.73 1.84
CA ARG A 150 11.89 14.46 2.68
C ARG A 150 11.58 14.25 4.16
N PRO A 151 12.56 13.91 4.98
CA PRO A 151 12.30 13.77 6.42
C PRO A 151 11.68 15.03 7.01
N GLY A 152 10.66 14.84 7.85
CA GLY A 152 9.95 15.94 8.50
C GLY A 152 8.85 16.57 7.68
N ASP A 153 8.79 16.31 6.38
CA ASP A 153 7.77 16.92 5.53
C ASP A 153 6.44 16.20 5.75
N PRO A 154 5.35 16.91 6.07
CA PRO A 154 4.06 16.25 6.28
C PRO A 154 3.39 15.83 4.99
N ARG A 155 3.79 16.39 3.85
CA ARG A 155 3.08 16.14 2.62
C ARG A 155 3.17 14.67 2.24
N ASP A 156 2.05 14.13 1.77
CA ASP A 156 2.06 12.81 1.15
C ASP A 156 2.49 11.73 2.13
N THR A 157 2.03 11.83 3.38
CA THR A 157 2.40 10.90 4.43
C THR A 157 1.20 10.14 4.98
N THR A 158 1.50 9.01 5.62
CA THR A 158 0.55 8.22 6.40
C THR A 158 1.27 7.77 7.67
N THR A 159 0.57 6.98 8.49
CA THR A 159 1.24 6.26 9.56
C THR A 159 0.98 4.77 9.33
N PRO A 160 1.85 3.90 9.83
CA PRO A 160 1.60 2.46 9.64
C PRO A 160 0.27 2.03 10.21
N ALA A 161 -0.09 2.53 11.40
CA ALA A 161 -1.37 2.16 12.00
C ALA A 161 -2.55 2.70 11.21
N ALA A 162 -2.46 3.95 10.75
CA ALA A 162 -3.59 4.51 10.01
C ALA A 162 -3.82 3.72 8.73
N MET A 163 -2.73 3.39 8.02
CA MET A 163 -2.88 2.67 6.77
C MET A 163 -3.36 1.25 6.99
N ALA A 164 -2.91 0.60 8.07
CA ALA A 164 -3.45 -0.73 8.40
C ALA A 164 -4.96 -0.66 8.66
N GLY A 165 -5.42 0.41 9.31
CA GLY A 165 -6.85 0.58 9.50
C GLY A 165 -7.60 0.69 8.19
N ASN A 166 -7.01 1.40 7.22
CA ASN A 166 -7.63 1.52 5.91
C ASN A 166 -7.67 0.18 5.19
N LEU A 167 -6.58 -0.60 5.28
CA LEU A 167 -6.58 -1.93 4.70
C LEU A 167 -7.70 -2.79 5.27
N GLN A 168 -7.89 -2.71 6.59
CA GLN A 168 -8.97 -3.45 7.24
C GLN A 168 -10.33 -3.04 6.68
N ARG A 169 -10.60 -1.74 6.64
CA ARG A 169 -11.92 -1.27 6.20
C ARG A 169 -12.19 -1.65 4.76
N LEU A 170 -11.19 -1.51 3.89
CA LEU A 170 -11.37 -1.70 2.45
C LEU A 170 -11.44 -3.17 2.06
N LEU A 171 -10.54 -4.00 2.58
N LEU A 171 -10.55 -4.00 2.60
CA LEU A 171 -10.44 -5.38 2.14
CA LEU A 171 -10.44 -5.38 2.13
C LEU A 171 -11.25 -6.34 3.00
C LEU A 171 -11.15 -6.39 3.01
N LEU A 172 -11.41 -6.05 4.28
CA LEU A 172 -12.03 -6.99 5.20
C LEU A 172 -13.32 -6.49 5.83
N GLY A 173 -13.53 -5.18 5.86
CA GLY A 173 -14.67 -4.55 6.48
C GLY A 173 -15.71 -4.14 5.46
N ASP A 174 -16.44 -3.06 5.78
CA ASP A 174 -17.60 -2.71 5.00
C ASP A 174 -17.47 -1.37 4.26
N ALA A 175 -16.24 -0.89 4.05
CA ALA A 175 -16.09 0.35 3.28
C ALA A 175 -16.50 0.16 1.83
N LEU A 176 -16.38 -1.06 1.32
CA LEU A 176 -16.75 -1.41 -0.05
C LEU A 176 -17.80 -2.52 -0.04
N GLN A 177 -18.63 -2.54 -1.08
CA GLN A 177 -19.51 -3.68 -1.29
C GLN A 177 -18.68 -4.93 -1.55
N SER A 178 -19.28 -6.09 -1.31
CA SER A 178 -18.53 -7.35 -1.39
C SER A 178 -17.86 -7.52 -2.74
N ALA A 179 -18.56 -7.19 -3.84
CA ALA A 179 -17.98 -7.35 -5.17
C ALA A 179 -16.78 -6.43 -5.38
N SER A 180 -16.85 -5.19 -4.89
CA SER A 180 -15.74 -4.26 -5.04
C SER A 180 -14.55 -4.66 -4.17
N ARG A 181 -14.84 -5.11 -2.95
CA ARG A 181 -13.81 -5.65 -2.09
C ARG A 181 -13.02 -6.75 -2.78
N GLN A 182 -13.73 -7.62 -3.51
CA GLN A 182 -13.08 -8.70 -4.24
C GLN A 182 -12.21 -8.17 -5.38
N ARG A 183 -12.70 -7.17 -6.11
CA ARG A 183 -11.91 -6.59 -7.20
C ARG A 183 -10.59 -6.04 -6.67
N LEU A 184 -10.64 -5.31 -5.56
CA LEU A 184 -9.43 -4.72 -5.02
C LEU A 184 -8.46 -5.81 -4.56
N ALA A 185 -8.97 -6.83 -3.88
CA ALA A 185 -8.12 -7.94 -3.48
C ALA A 185 -7.46 -8.60 -4.69
N ASP A 186 -8.24 -8.79 -5.76
CA ASP A 186 -7.71 -9.42 -6.97
C ASP A 186 -6.59 -8.59 -7.60
N TRP A 187 -6.78 -7.27 -7.68
CA TRP A 187 -5.73 -6.43 -8.26
C TRP A 187 -4.45 -6.49 -7.42
N LEU A 188 -4.60 -6.49 -6.09
CA LEU A 188 -3.44 -6.56 -5.21
C LEU A 188 -2.74 -7.90 -5.30
N LEU A 189 -3.52 -8.99 -5.32
CA LEU A 189 -2.95 -10.33 -5.38
C LEU A 189 -2.25 -10.60 -6.71
N ALA A 190 -2.59 -9.87 -7.76
CA ALA A 190 -1.96 -10.05 -9.06
C ALA A 190 -0.65 -9.30 -9.21
N SER A 191 -0.29 -8.45 -8.25
CA SER A 191 0.91 -7.65 -8.36
C SER A 191 2.18 -8.49 -8.24
N GLN A 192 3.21 -8.12 -9.01
CA GLN A 192 4.55 -8.67 -8.93
C GLN A 192 5.57 -7.67 -8.42
N THR A 193 5.19 -6.39 -8.27
CA THR A 193 6.18 -5.36 -7.98
C THR A 193 6.87 -5.59 -6.64
N GLY A 194 6.24 -6.32 -5.73
CA GLY A 194 6.80 -6.61 -4.43
C GLY A 194 7.35 -8.02 -4.27
N ASP A 195 7.71 -8.67 -5.37
CA ASP A 195 8.18 -10.05 -5.30
C ASP A 195 9.41 -10.21 -4.39
N THR A 196 10.25 -9.19 -4.27
CA THR A 196 11.44 -9.31 -3.43
C THR A 196 11.27 -8.59 -2.09
N ARG A 197 10.07 -8.13 -1.78
CA ARG A 197 9.76 -7.41 -0.56
C ARG A 197 8.98 -8.35 0.38
N LEU A 198 7.82 -7.94 0.93
CA LEU A 198 7.16 -8.76 1.95
C LEU A 198 6.92 -10.19 1.46
N ARG A 199 6.47 -10.34 0.21
CA ARG A 199 6.15 -11.66 -0.33
C ARG A 199 7.32 -12.62 -0.22
N ALA A 200 8.55 -12.13 -0.38
CA ALA A 200 9.73 -12.97 -0.33
C ALA A 200 9.96 -13.57 1.05
N GLY A 201 9.36 -13.02 2.08
CA GLY A 201 9.47 -13.53 3.42
C GLY A 201 8.37 -14.47 3.86
N LEU A 202 7.42 -14.80 2.97
CA LEU A 202 6.28 -15.57 3.42
C LEU A 202 6.50 -17.07 3.25
N PRO A 203 5.94 -17.86 4.16
CA PRO A 203 5.96 -19.32 4.00
C PRO A 203 5.26 -19.76 2.73
N ALA A 204 5.66 -20.93 2.26
CA ALA A 204 5.10 -21.52 1.05
C ALA A 204 3.59 -21.68 1.20
N GLY A 205 2.87 -21.33 0.13
CA GLY A 205 1.43 -21.40 0.12
C GLY A 205 0.73 -20.17 0.64
N TRP A 206 1.44 -19.29 1.34
CA TRP A 206 0.83 -18.04 1.75
C TRP A 206 0.84 -17.06 0.59
N ARG A 207 -0.16 -16.18 0.58
CA ARG A 207 -0.30 -15.16 -0.45
C ARG A 207 -0.32 -13.79 0.21
N ILE A 208 0.09 -12.78 -0.55
CA ILE A 208 -0.08 -11.40 -0.12
C ILE A 208 -0.60 -10.58 -1.29
N GLY A 209 -1.63 -9.80 -1.03
CA GLY A 209 -2.06 -8.78 -1.97
C GLY A 209 -1.52 -7.46 -1.46
N ASP A 210 -0.51 -6.92 -2.15
CA ASP A 210 0.26 -5.82 -1.62
C ASP A 210 0.39 -4.69 -2.63
N LYS A 211 0.71 -3.53 -2.09
CA LYS A 211 1.05 -2.35 -2.89
C LYS A 211 2.39 -1.81 -2.39
N THR A 212 3.35 -1.71 -3.29
CA THR A 212 4.67 -1.21 -2.99
C THR A 212 4.78 0.29 -3.26
N GLY A 213 5.86 0.88 -2.77
CA GLY A 213 6.24 2.23 -3.14
C GLY A 213 7.70 2.44 -2.88
N ALA A 214 8.26 3.47 -3.50
CA ALA A 214 9.64 3.84 -3.28
C ALA A 214 9.81 5.31 -3.59
N GLY A 215 10.76 5.94 -2.92
CA GLY A 215 10.94 7.35 -3.10
C GLY A 215 12.31 7.81 -2.68
N GLY A 216 12.45 9.11 -2.54
CA GLY A 216 13.71 9.71 -2.14
C GLY A 216 14.08 9.37 -0.72
N HIS A 217 15.29 9.79 -0.35
CA HIS A 217 15.78 9.62 1.01
C HIS A 217 15.71 8.17 1.47
N GLY A 218 15.98 7.25 0.56
CA GLY A 218 16.04 5.85 0.91
C GLY A 218 14.72 5.30 1.42
N THR A 219 13.62 5.64 0.74
CA THR A 219 12.27 5.26 1.15
C THR A 219 11.78 4.08 0.30
N ASN A 220 11.19 3.09 0.96
CA ASN A 220 10.79 1.85 0.30
C ASN A 220 9.72 1.21 1.16
N ASN A 221 8.52 1.00 0.60
CA ASN A 221 7.36 0.63 1.39
C ASN A 221 6.65 -0.58 0.76
N ASP A 222 5.90 -1.28 1.61
CA ASP A 222 5.06 -2.39 1.14
C ASP A 222 3.93 -2.58 2.13
N ILE A 223 2.68 -2.51 1.65
CA ILE A 223 1.51 -2.66 2.51
C ILE A 223 0.57 -3.67 1.87
N GLY A 224 -0.23 -4.35 2.68
CA GLY A 224 -1.19 -5.24 2.08
C GLY A 224 -1.87 -6.16 3.08
N VAL A 225 -2.50 -7.19 2.51
CA VAL A 225 -3.20 -8.20 3.29
C VAL A 225 -2.59 -9.54 2.93
N ILE A 226 -2.21 -10.29 3.96
CA ILE A 226 -1.68 -11.64 3.79
C ILE A 226 -2.83 -12.61 3.98
N TRP A 227 -2.96 -13.56 3.08
CA TRP A 227 -3.86 -14.69 3.24
C TRP A 227 -3.03 -15.93 3.47
N PRO A 228 -2.88 -16.39 4.71
CA PRO A 228 -2.05 -17.56 4.98
C PRO A 228 -2.64 -18.81 4.36
N ARG A 229 -1.80 -19.86 4.30
CA ARG A 229 -2.24 -21.14 3.76
C ARG A 229 -3.43 -21.68 4.55
N ASP A 230 -3.42 -21.49 5.88
CA ASP A 230 -4.46 -22.04 6.76
C ASP A 230 -4.69 -21.08 7.91
N GLY A 231 -5.37 -19.99 7.63
CA GLY A 231 -5.67 -19.00 8.64
C GLY A 231 -6.41 -17.83 8.03
N ALA A 232 -7.01 -17.03 8.90
CA ALA A 232 -7.68 -15.80 8.51
C ALA A 232 -6.67 -14.77 8.03
N PRO A 233 -7.13 -13.68 7.41
CA PRO A 233 -6.19 -12.70 6.85
C PRO A 233 -5.42 -11.95 7.93
N VAL A 234 -4.29 -11.40 7.50
CA VAL A 234 -3.38 -10.63 8.33
C VAL A 234 -3.11 -9.30 7.65
N LEU A 235 -3.38 -8.20 8.35
CA LEU A 235 -3.05 -6.88 7.82
C LEU A 235 -1.58 -6.57 8.09
N ILE A 236 -0.91 -5.97 7.12
CA ILE A 236 0.49 -5.60 7.30
C ILE A 236 0.78 -4.28 6.58
N SER A 237 1.42 -3.36 7.29
N SER A 237 1.34 -3.35 7.33
CA SER A 237 1.88 -2.12 6.68
CA SER A 237 1.90 -2.12 6.76
C SER A 237 3.32 -1.89 7.10
C SER A 237 3.39 -2.11 7.10
N ALA A 238 4.21 -1.79 6.12
CA ALA A 238 5.65 -1.68 6.34
C ALA A 238 6.19 -0.49 5.55
N TYR A 239 6.69 0.49 6.29
CA TYR A 239 7.25 1.71 5.72
C TYR A 239 8.70 1.80 6.17
N LEU A 240 9.62 2.02 5.23
CA LEU A 240 11.03 2.11 5.54
C LEU A 240 11.55 3.39 4.90
N THR A 241 12.36 4.15 5.66
CA THR A 241 12.92 5.37 5.11
C THR A 241 14.30 5.61 5.71
N GLN A 242 15.03 6.54 5.10
CA GLN A 242 16.36 6.96 5.53
C GLN A 242 17.44 5.92 5.28
N SER A 243 17.21 4.96 4.39
CA SER A 243 18.26 4.01 4.04
C SER A 243 19.34 4.68 3.20
N SER A 244 20.60 4.33 3.51
N SER A 244 20.59 4.34 3.51
CA SER A 244 21.75 4.71 2.70
CA SER A 244 21.74 4.72 2.69
C SER A 244 22.21 3.57 1.81
C SER A 244 22.16 3.62 1.73
N ALA A 245 21.46 2.49 1.73
CA ALA A 245 21.83 1.30 0.98
C ALA A 245 21.13 1.27 -0.37
N SER A 246 21.50 0.29 -1.18
CA SER A 246 20.91 0.09 -2.49
C SER A 246 19.44 -0.32 -2.38
N ARG A 247 18.72 -0.21 -3.51
CA ARG A 247 17.33 -0.65 -3.54
C ARG A 247 17.20 -2.13 -3.22
N GLU A 248 18.09 -2.97 -3.75
N GLU A 248 18.09 -2.97 -3.76
CA GLU A 248 18.01 -4.40 -3.46
CA GLU A 248 18.03 -4.39 -3.47
C GLU A 248 18.21 -4.66 -1.97
C GLU A 248 18.21 -4.67 -1.98
N ALA A 249 19.12 -3.93 -1.33
CA ALA A 249 19.31 -4.08 0.11
C ALA A 249 18.07 -3.67 0.88
N GLN A 250 17.44 -2.57 0.48
CA GLN A 250 16.19 -2.14 1.11
C GLN A 250 15.11 -3.20 0.96
N ASN A 251 14.97 -3.76 -0.24
CA ASN A 251 13.96 -4.78 -0.47
C ASN A 251 14.15 -5.96 0.47
N ALA A 252 15.41 -6.34 0.69
CA ALA A 252 15.71 -7.46 1.58
C ALA A 252 15.31 -7.16 3.03
N VAL A 253 15.40 -5.91 3.46
CA VAL A 253 14.91 -5.55 4.78
C VAL A 253 13.41 -5.81 4.87
N LEU A 254 12.66 -5.40 3.85
CA LEU A 254 11.22 -5.65 3.85
C LEU A 254 10.90 -7.13 3.81
N ALA A 255 11.68 -7.92 3.07
CA ALA A 255 11.48 -9.37 3.10
C ALA A 255 11.63 -9.91 4.52
N GLU A 256 12.60 -9.39 5.27
CA GLU A 256 12.78 -9.81 6.65
C GLU A 256 11.62 -9.39 7.54
N VAL A 257 11.06 -8.19 7.31
CA VAL A 257 9.81 -7.83 8.00
C VAL A 257 8.73 -8.88 7.74
N GLY A 258 8.62 -9.33 6.49
CA GLY A 258 7.66 -10.38 6.18
C GLY A 258 7.90 -11.64 6.98
N ARG A 259 9.17 -12.05 7.13
CA ARG A 259 9.49 -13.24 7.92
C ARG A 259 9.13 -13.05 9.38
N ILE A 260 9.43 -11.86 9.93
CA ILE A 260 9.09 -11.56 11.32
C ILE A 260 7.59 -11.64 11.53
N ALA A 261 6.83 -11.05 10.62
CA ALA A 261 5.37 -11.08 10.71
C ALA A 261 4.84 -12.49 10.60
N ALA A 262 5.32 -13.26 9.62
CA ALA A 262 4.82 -14.62 9.43
C ALA A 262 5.13 -15.48 10.65
N HIS A 263 6.30 -15.28 11.26
CA HIS A 263 6.61 -16.07 12.44
C HIS A 263 5.68 -15.73 13.60
N ALA A 264 5.36 -14.44 13.80
CA ALA A 264 4.45 -14.08 14.87
C ALA A 264 3.09 -14.71 14.66
N VAL A 265 2.59 -14.68 13.42
CA VAL A 265 1.31 -15.31 13.11
C VAL A 265 1.36 -16.79 13.42
N ALA A 266 2.45 -17.45 13.03
CA ALA A 266 2.59 -18.88 13.30
C ALA A 266 2.68 -19.16 14.79
N ALA A 267 3.37 -18.28 15.54
CA ALA A 267 3.53 -18.47 16.98
C ALA A 267 2.19 -18.28 17.70
N TRP A 268 1.41 -17.28 17.30
CA TRP A 268 0.06 -17.12 17.85
C TRP A 268 -0.79 -18.36 17.57
N ARG A 269 -0.65 -18.92 16.37
CA ARG A 269 -1.40 -20.11 15.98
C ARG A 269 -1.01 -21.32 16.82
N LEU A 270 0.29 -21.51 17.03
CA LEU A 270 0.79 -22.64 17.79
C LEU A 270 0.61 -22.48 19.29
N GLY A 271 0.37 -21.26 19.77
CA GLY A 271 0.35 -21.03 21.19
C GLY A 271 1.72 -20.93 21.83
N SER A 272 2.74 -20.56 21.06
CA SER A 272 4.10 -20.51 21.57
C SER A 272 4.23 -19.45 22.66
#